data_7EHQ
#
_entry.id   7EHQ
#
_cell.length_a   136.517
_cell.length_b   68.725
_cell.length_c   56.752
_cell.angle_alpha   90.000
_cell.angle_beta   101.620
_cell.angle_gamma   90.000
#
_symmetry.space_group_name_H-M   'C 1 2 1'
#
loop_
_entity.id
_entity.type
_entity.pdbx_description
1 polymer 'Chitin oligosaccharide binding protein NagB2'
2 branched 2-acetamido-2-deoxy-beta-D-glucopyranose-(1-4)-2-acetamido-2-deoxy-beta-D-glucopyranose
3 water water
#
_entity_poly.entity_id   1
_entity_poly.type   'polypeptide(L)'
_entity_poly.pdbx_seq_one_letter_code
;MGCGGTADKNPAGNNGDSAKPAETKSGDSVSLTLRHINVRDTAKNTLALLEKVVKKTEAEVPGATFKLDGVEDTVNRDVK
LKAEMAAGKPPQIFNLFGGADTQNYAKAGHLLPLNDILKELGLEDKFFELREFTVDGKIYGLPEAGFVEGFYYNTKLFAD
AGITSAPKTWDEFTKALEALKAKNITPIALGGGSGDGWAINMLANSLFVATAGPEAQEGFAKGTTKWTDPAVLDGFKRLK
DLKDKGYIDPNVLGLKYSEGQAKFYTGQAAMLFDGSWATSAILDKDKSTVKDNVGYFRFPNIGGKGDNLINGGWSNGYGF
SSHLNDAEKKAVKAFIKNFYTLEIQGEALGRDNRVPSMKGVPTPAEAAPLTKAIGEAQASAKAAFPAFDALVQPKVKVTL
EQSVQELLGGQLTPEKLVEKMQKVQDEANAGKLEHHHHHH
;
_entity_poly.pdbx_strand_id   A
#
# COMPACT_ATOMS: atom_id res chain seq x y z
N GLY A 27 8.10 38.74 1.39
CA GLY A 27 8.72 38.92 2.70
C GLY A 27 9.41 37.63 3.13
N ASP A 28 8.73 36.70 3.80
CA ASP A 28 7.42 36.85 4.46
C ASP A 28 7.07 35.64 5.34
N SER A 29 5.94 35.76 6.04
CA SER A 29 5.38 34.66 6.83
C SER A 29 4.38 33.89 5.98
N VAL A 30 4.52 32.57 5.97
CA VAL A 30 3.73 31.73 5.07
C VAL A 30 2.98 30.67 5.84
N SER A 31 1.81 30.32 5.32
CA SER A 31 0.99 29.24 5.85
C SER A 31 0.85 28.19 4.75
N LEU A 32 1.22 26.96 5.07
CA LEU A 32 1.21 25.86 4.10
C LEU A 32 0.24 24.79 4.58
N THR A 33 -0.57 24.30 3.67
CA THR A 33 -1.43 23.19 3.98
C THR A 33 -0.68 21.88 3.76
N LEU A 34 -0.71 20.99 4.76
CA LEU A 34 -0.04 19.70 4.68
C LEU A 34 -1.10 18.61 4.70
N ARG A 35 -1.39 18.04 3.53
CA ARG A 35 -2.37 16.97 3.41
C ARG A 35 -1.75 15.63 3.77
N HIS A 36 -2.34 14.93 4.73
CA HIS A 36 -1.85 13.60 5.11
C HIS A 36 -3.02 12.66 5.26
N ILE A 37 -2.72 11.37 5.37
CA ILE A 37 -3.75 10.34 5.51
C ILE A 37 -3.60 9.57 6.81
N ASN A 38 -2.95 10.17 7.81
CA ASN A 38 -2.69 9.49 9.09
C ASN A 38 -3.80 9.81 10.09
N VAL A 39 -5.02 9.40 9.74
CA VAL A 39 -6.20 9.83 10.51
C VAL A 39 -6.72 8.74 11.43
N ARG A 40 -6.48 7.47 11.11
CA ARG A 40 -7.02 6.39 11.93
C ARG A 40 -6.29 6.28 13.26
N ASP A 41 -6.99 5.72 14.25
CA ASP A 41 -6.33 5.47 15.53
C ASP A 41 -5.12 4.57 15.38
N THR A 42 -5.11 3.68 14.39
CA THR A 42 -3.93 2.87 14.16
C THR A 42 -2.79 3.65 13.48
N ALA A 43 -2.99 4.94 13.23
CA ALA A 43 -1.97 5.80 12.64
C ALA A 43 -1.44 6.83 13.63
N LYS A 44 -1.83 6.77 14.91
CA LYS A 44 -1.42 7.77 15.88
C LYS A 44 0.09 7.95 15.93
N ASN A 45 0.84 6.84 15.86
CA ASN A 45 2.31 6.89 15.79
C ASN A 45 2.78 7.76 14.64
N THR A 46 2.32 7.42 13.44
CA THR A 46 2.77 8.12 12.23
C THR A 46 2.42 9.60 12.28
N LEU A 47 1.22 9.93 12.76
CA LEU A 47 0.81 11.33 12.87
C LEU A 47 1.69 12.08 13.87
N ALA A 48 1.94 11.46 15.04
CA ALA A 48 2.77 12.10 16.04
C ALA A 48 4.17 12.37 15.51
N LEU A 49 4.71 11.43 14.73
CA LEU A 49 6.03 11.66 14.14
C LEU A 49 5.96 12.83 13.15
N LEU A 50 4.90 12.87 12.35
CA LEU A 50 4.71 13.99 11.45
C LEU A 50 4.63 15.31 12.22
N GLU A 51 3.85 15.33 13.31
CA GLU A 51 3.71 16.56 14.09
C GLU A 51 5.06 16.96 14.70
N LYS A 52 5.82 15.99 15.18
CA LYS A 52 7.17 16.26 15.69
C LYS A 52 8.05 16.89 14.64
N VAL A 53 8.00 16.38 13.40
CA VAL A 53 8.78 16.97 12.32
C VAL A 53 8.29 18.38 12.03
N VAL A 54 6.97 18.57 12.04
CA VAL A 54 6.39 19.88 11.72
C VAL A 54 6.84 20.93 12.73
N LYS A 55 6.77 20.59 14.02
CA LYS A 55 7.20 21.51 15.08
C LYS A 55 8.66 21.92 14.91
N LYS A 56 9.53 20.97 14.61
CA LYS A 56 10.94 21.28 14.41
C LYS A 56 11.12 22.22 13.23
N THR A 57 10.40 21.96 12.13
CA THR A 57 10.48 22.83 10.96
C THR A 57 10.00 24.24 11.30
N GLU A 58 8.89 24.35 12.02
CA GLU A 58 8.38 25.68 12.36
C GLU A 58 9.37 26.43 13.25
N ALA A 59 10.09 25.71 14.12
CA ALA A 59 11.06 26.35 15.00
C ALA A 59 12.25 26.91 14.23
N GLU A 60 12.67 26.27 13.14
CA GLU A 60 13.84 26.80 12.45
C GLU A 60 13.51 27.69 11.26
N VAL A 61 12.23 27.79 10.88
CA VAL A 61 11.83 28.72 9.82
C VAL A 61 10.84 29.72 10.41
N PRO A 62 11.32 30.87 10.90
CA PRO A 62 10.41 31.88 11.44
C PRO A 62 9.39 32.33 10.40
N GLY A 63 8.14 32.41 10.82
CA GLY A 63 7.08 32.84 9.94
C GLY A 63 6.38 31.72 9.18
N ALA A 64 6.95 30.52 9.13
CA ALA A 64 6.34 29.42 8.39
C ALA A 64 5.45 28.61 9.32
N THR A 65 4.22 28.42 8.90
CA THR A 65 3.20 27.68 9.64
C THR A 65 2.64 26.59 8.74
N PHE A 66 2.41 25.41 9.32
CA PHE A 66 1.82 24.29 8.57
C PHE A 66 0.45 23.97 9.13
N LYS A 67 -0.54 23.88 8.25
CA LYS A 67 -1.91 23.52 8.63
C LYS A 67 -2.13 22.08 8.19
N LEU A 68 -2.10 21.15 9.15
CA LEU A 68 -2.32 19.74 8.80
C LEU A 68 -3.78 19.49 8.47
N ASP A 69 -4.00 18.76 7.38
CA ASP A 69 -5.33 18.41 6.87
C ASP A 69 -5.36 16.90 6.69
N GLY A 70 -5.87 16.18 7.70
CA GLY A 70 -5.94 14.74 7.64
C GLY A 70 -7.21 14.26 6.97
N VAL A 71 -7.05 13.35 6.01
CA VAL A 71 -8.14 12.88 5.17
C VAL A 71 -8.01 11.36 5.04
N GLU A 72 -9.15 10.65 4.96
CA GLU A 72 -9.14 9.21 4.76
CA GLU A 72 -9.14 9.20 4.75
C GLU A 72 -8.38 8.84 3.49
N ASP A 73 -7.70 7.68 3.52
CA ASP A 73 -6.85 7.27 2.40
C ASP A 73 -7.59 7.26 1.05
N THR A 74 -8.73 6.55 0.98
CA THR A 74 -9.39 6.50 -0.31
C THR A 74 -9.86 7.90 -0.72
N VAL A 75 -10.35 8.69 0.25
CA VAL A 75 -10.93 9.98 -0.09
C VAL A 75 -9.87 10.93 -0.64
N ASN A 76 -8.70 10.98 0.01
CA ASN A 76 -7.65 11.87 -0.49
C ASN A 76 -7.19 11.47 -1.89
N ARG A 77 -6.88 10.19 -2.10
CA ARG A 77 -6.25 9.79 -3.35
C ARG A 77 -7.22 9.82 -4.51
N ASP A 78 -8.46 9.39 -4.28
CA ASP A 78 -9.38 9.18 -5.38
C ASP A 78 -10.40 10.31 -5.56
N VAL A 79 -10.53 11.23 -4.60
CA VAL A 79 -11.52 12.30 -4.75
C VAL A 79 -10.89 13.67 -4.48
N LYS A 80 -10.42 13.93 -3.26
CA LYS A 80 -10.02 15.29 -2.85
C LYS A 80 -8.79 15.77 -3.58
N LEU A 81 -7.66 15.08 -3.42
CA LEU A 81 -6.46 15.50 -4.16
C LEU A 81 -6.70 15.43 -5.69
N LYS A 82 -7.44 14.42 -6.16
CA LYS A 82 -7.75 14.33 -7.59
C LYS A 82 -8.48 15.59 -8.07
N ALA A 83 -9.49 16.03 -7.31
CA ALA A 83 -10.22 17.23 -7.72
C ALA A 83 -9.35 18.48 -7.61
N GLU A 84 -8.61 18.61 -6.50
CA GLU A 84 -7.71 19.76 -6.34
C GLU A 84 -6.71 19.84 -7.49
N MET A 85 -6.21 18.68 -7.93
CA MET A 85 -5.25 18.70 -9.02
C MET A 85 -5.92 19.02 -10.36
N ALA A 86 -7.15 18.57 -10.55
CA ALA A 86 -7.89 18.94 -11.76
C ALA A 86 -8.08 20.45 -11.83
N ALA A 87 -8.36 21.09 -10.69
CA ALA A 87 -8.44 22.55 -10.64
C ALA A 87 -7.09 23.24 -10.67
N GLY A 88 -5.99 22.49 -10.68
CA GLY A 88 -4.68 23.09 -10.61
C GLY A 88 -4.34 23.73 -9.29
N LYS A 89 -5.01 23.34 -8.21
CA LYS A 89 -4.85 23.97 -6.90
C LYS A 89 -4.63 22.94 -5.80
N PRO A 90 -3.54 22.18 -5.87
CA PRO A 90 -3.26 21.20 -4.81
C PRO A 90 -2.84 21.91 -3.53
N PRO A 91 -2.83 21.21 -2.39
CA PRO A 91 -2.19 21.72 -1.17
C PRO A 91 -0.71 21.95 -1.47
N GLN A 92 -0.02 22.69 -0.57
CA GLN A 92 1.42 22.82 -0.79
C GLN A 92 2.17 21.50 -0.60
N ILE A 93 1.70 20.67 0.33
CA ILE A 93 2.32 19.39 0.68
C ILE A 93 1.20 18.36 0.73
N PHE A 94 1.40 17.18 0.14
CA PHE A 94 0.29 16.21 0.11
C PHE A 94 0.82 14.77 -0.01
N ASN A 95 0.15 13.85 0.68
CA ASN A 95 0.45 12.44 0.51
C ASN A 95 0.15 12.07 -0.95
N LEU A 96 1.12 11.45 -1.61
CA LEU A 96 1.12 11.24 -3.04
C LEU A 96 1.55 9.81 -3.35
N PHE A 97 0.95 9.23 -4.38
CA PHE A 97 1.35 7.88 -4.82
C PHE A 97 2.20 7.93 -6.06
N GLY A 98 3.22 7.08 -6.11
CA GLY A 98 4.05 6.96 -7.29
C GLY A 98 3.29 6.34 -8.47
N GLY A 99 3.95 6.35 -9.62
CA GLY A 99 3.37 5.72 -10.80
C GLY A 99 2.34 6.63 -11.41
N ALA A 100 1.18 6.06 -11.78
CA ALA A 100 0.19 6.80 -12.57
C ALA A 100 -0.18 8.14 -11.95
N ASP A 101 -0.51 8.18 -10.65
CA ASP A 101 -0.89 9.47 -10.04
C ASP A 101 0.20 10.51 -10.26
N THR A 102 1.44 10.15 -9.92
CA THR A 102 2.55 11.11 -10.06
C THR A 102 2.73 11.54 -11.51
N GLN A 103 2.62 10.58 -12.43
CA GLN A 103 2.73 10.89 -13.85
C GLN A 103 1.67 11.90 -14.27
N ASN A 104 0.41 11.67 -13.89
CA ASN A 104 -0.65 12.60 -14.29
C ASN A 104 -0.40 14.01 -13.75
N TYR A 105 -0.11 14.13 -12.44
CA TYR A 105 0.02 15.46 -11.86
C TYR A 105 1.34 16.11 -12.27
N ALA A 106 2.37 15.32 -12.53
CA ALA A 106 3.60 15.91 -13.03
C ALA A 106 3.41 16.45 -14.44
N LYS A 107 2.70 15.72 -15.26
CA LYS A 107 2.62 16.16 -16.64
C LYS A 107 1.65 17.36 -16.77
N ALA A 108 0.70 17.46 -15.83
CA ALA A 108 -0.15 18.64 -15.66
C ALA A 108 0.62 19.80 -15.05
N GLY A 109 1.87 19.58 -14.64
CA GLY A 109 2.72 20.63 -14.15
C GLY A 109 2.46 21.09 -12.73
N HIS A 110 1.82 20.25 -11.91
CA HIS A 110 1.41 20.67 -10.58
C HIS A 110 2.32 20.16 -9.47
N LEU A 111 3.39 19.46 -9.80
CA LEU A 111 4.31 18.88 -8.82
C LEU A 111 5.65 19.60 -8.88
N LEU A 112 6.15 19.99 -7.71
CA LEU A 112 7.47 20.63 -7.60
C LEU A 112 8.58 19.65 -8.00
N PRO A 113 9.45 20.00 -8.94
CA PRO A 113 10.62 19.15 -9.22
C PRO A 113 11.60 19.24 -8.06
N LEU A 114 12.07 18.09 -7.60
CA LEU A 114 12.81 18.03 -6.34
C LEU A 114 14.31 17.79 -6.51
N ASN A 115 14.81 17.64 -7.74
CA ASN A 115 16.20 17.27 -7.94
C ASN A 115 17.16 18.26 -7.27
N ASP A 116 16.92 19.55 -7.46
CA ASP A 116 17.81 20.57 -6.92
C ASP A 116 17.71 20.65 -5.39
N ILE A 117 16.50 20.53 -4.84
CA ILE A 117 16.34 20.50 -3.38
C ILE A 117 17.10 19.32 -2.80
N LEU A 118 16.97 18.14 -3.42
CA LEU A 118 17.63 16.95 -2.90
C LEU A 118 19.15 17.13 -2.88
N LYS A 119 19.71 17.67 -3.96
CA LYS A 119 21.15 17.91 -4.00
C LYS A 119 21.58 18.90 -2.91
N GLU A 120 20.81 19.98 -2.72
CA GLU A 120 21.15 20.99 -1.72
C GLU A 120 21.14 20.40 -0.32
N LEU A 121 20.24 19.45 -0.07
CA LEU A 121 20.10 18.80 1.23
C LEU A 121 21.00 17.59 1.39
N GLY A 122 21.79 17.25 0.36
CA GLY A 122 22.64 16.08 0.43
C GLY A 122 21.88 14.78 0.49
N LEU A 123 20.67 14.75 -0.09
CA LEU A 123 19.79 13.57 -0.04
C LEU A 123 19.72 12.85 -1.37
N GLU A 124 20.51 13.30 -2.35
CA GLU A 124 20.32 12.86 -3.73
C GLU A 124 20.45 11.35 -3.88
N ASP A 125 21.35 10.75 -3.11
CA ASP A 125 21.73 9.35 -3.28
C ASP A 125 21.22 8.44 -2.16
N LYS A 126 20.32 8.94 -1.32
CA LYS A 126 20.03 8.34 -0.02
C LYS A 126 18.77 7.47 -0.03
N PHE A 127 18.01 7.47 -1.10
CA PHE A 127 16.77 6.67 -1.15
C PHE A 127 17.00 5.35 -1.88
N PHE A 128 16.30 4.30 -1.43
CA PHE A 128 16.43 3.01 -2.13
C PHE A 128 15.97 3.11 -3.58
N GLU A 129 14.77 3.65 -3.80
CA GLU A 129 14.21 3.67 -5.15
C GLU A 129 13.29 4.87 -5.33
N LEU A 130 13.66 5.75 -6.24
CA LEU A 130 12.79 6.88 -6.56
C LEU A 130 12.07 6.69 -7.89
N ARG A 131 12.17 5.50 -8.50
CA ARG A 131 11.69 5.33 -9.87
C ARG A 131 10.18 5.61 -9.99
N GLU A 132 9.40 5.23 -8.99
CA GLU A 132 7.96 5.47 -9.14
C GLU A 132 7.65 6.95 -9.14
N PHE A 133 8.51 7.77 -8.54
CA PHE A 133 8.23 9.19 -8.45
C PHE A 133 8.96 9.99 -9.51
N THR A 134 9.62 9.33 -10.47
CA THR A 134 10.47 10.00 -11.43
C THR A 134 9.83 10.01 -12.80
N VAL A 135 9.74 11.19 -13.40
CA VAL A 135 9.15 11.38 -14.72
C VAL A 135 10.14 12.17 -15.56
N ASP A 136 10.60 11.58 -16.66
CA ASP A 136 11.58 12.22 -17.54
C ASP A 136 12.81 12.67 -16.74
N GLY A 137 13.26 11.82 -15.82
CA GLY A 137 14.45 12.10 -15.04
C GLY A 137 14.24 13.06 -13.89
N LYS A 138 13.07 13.67 -13.75
CA LYS A 138 12.85 14.61 -12.67
C LYS A 138 12.04 13.94 -11.55
N ILE A 139 12.44 14.23 -10.32
CA ILE A 139 11.86 13.60 -9.14
C ILE A 139 10.74 14.49 -8.62
N TYR A 140 9.56 13.90 -8.45
CA TYR A 140 8.35 14.68 -8.19
C TYR A 140 7.69 14.28 -6.89
N GLY A 141 8.30 13.38 -6.11
CA GLY A 141 7.80 13.10 -4.77
C GLY A 141 8.82 12.21 -4.10
N LEU A 142 8.62 12.01 -2.80
CA LEU A 142 9.59 11.28 -1.99
C LEU A 142 8.88 10.21 -1.17
N PRO A 143 9.19 8.94 -1.36
CA PRO A 143 8.58 7.88 -0.57
C PRO A 143 8.87 8.12 0.91
N GLU A 144 7.81 8.07 1.72
CA GLU A 144 7.98 8.18 3.17
C GLU A 144 8.58 6.91 3.76
N ALA A 145 8.30 5.77 3.13
CA ALA A 145 8.61 4.44 3.63
C ALA A 145 8.50 3.50 2.44
N GLY A 146 8.93 2.26 2.64
CA GLY A 146 8.66 1.20 1.69
C GLY A 146 7.44 0.40 2.12
N PHE A 147 7.04 -0.52 1.26
CA PHE A 147 6.02 -1.47 1.66
C PHE A 147 6.34 -2.84 1.06
N VAL A 148 5.87 -3.89 1.75
CA VAL A 148 5.55 -5.17 1.13
C VAL A 148 4.14 -5.57 1.50
N GLU A 149 3.59 -6.53 0.77
CA GLU A 149 2.29 -7.12 1.14
C GLU A 149 2.48 -8.62 1.32
N GLY A 150 1.70 -9.20 2.22
CA GLY A 150 1.90 -10.60 2.57
C GLY A 150 0.85 -11.07 3.54
N PHE A 151 0.96 -12.35 3.93
CA PHE A 151 0.01 -12.93 4.87
C PHE A 151 0.52 -12.83 6.31
N TYR A 152 -0.15 -12.05 7.14
CA TYR A 152 -0.05 -12.19 8.59
C TYR A 152 -0.88 -13.40 8.99
N TYR A 153 -0.38 -14.20 9.93
CA TYR A 153 -1.22 -15.33 10.30
C TYR A 153 -1.05 -15.65 11.78
N ASN A 154 -2.05 -16.35 12.33
CA ASN A 154 -2.11 -16.68 13.75
C ASN A 154 -1.55 -18.08 13.90
N THR A 155 -0.38 -18.19 14.56
CA THR A 155 0.30 -19.48 14.67
CA THR A 155 0.28 -19.49 14.64
C THR A 155 -0.48 -20.45 15.54
N LYS A 156 -1.23 -19.93 16.52
CA LYS A 156 -2.02 -20.79 17.39
C LYS A 156 -3.26 -21.33 16.70
N LEU A 157 -3.99 -20.47 15.97
CA LEU A 157 -5.13 -20.95 15.19
C LEU A 157 -4.69 -21.93 14.12
N PHE A 158 -3.48 -21.73 13.56
CA PHE A 158 -2.95 -22.71 12.63
C PHE A 158 -2.67 -24.03 13.34
N ALA A 159 -2.01 -23.96 14.50
CA ALA A 159 -1.72 -25.19 15.25
C ALA A 159 -3.01 -25.90 15.66
N ASP A 160 -4.06 -25.12 16.00
CA ASP A 160 -5.35 -25.73 16.34
C ASP A 160 -5.87 -26.58 15.19
N ALA A 161 -5.55 -26.23 13.95
CA ALA A 161 -6.06 -26.94 12.78
C ALA A 161 -5.03 -27.90 12.18
N GLY A 162 -3.94 -28.16 12.87
CA GLY A 162 -2.98 -29.13 12.36
C GLY A 162 -1.87 -28.59 11.47
N ILE A 163 -1.99 -27.35 11.00
CA ILE A 163 -0.85 -26.65 10.38
C ILE A 163 0.19 -26.26 11.41
N THR A 164 1.39 -26.82 11.25
CA THR A 164 2.59 -26.52 12.03
C THR A 164 3.62 -25.64 11.30
N SER A 165 3.46 -25.46 10.01
CA SER A 165 4.27 -24.55 9.19
C SER A 165 3.49 -23.62 8.30
N ALA A 166 4.08 -22.45 8.08
CA ALA A 166 3.54 -21.53 7.10
C ALA A 166 3.60 -22.16 5.71
N PRO A 167 2.53 -22.11 4.93
CA PRO A 167 2.56 -22.76 3.62
C PRO A 167 3.46 -22.00 2.66
N LYS A 168 4.38 -22.69 2.01
CA LYS A 168 5.19 -22.20 0.86
C LYS A 168 4.59 -22.32 -0.50
N THR A 169 3.75 -23.30 -0.70
CA THR A 169 3.17 -23.53 -2.00
C THR A 169 1.66 -23.36 -1.94
N TRP A 170 1.07 -23.20 -3.15
CA TRP A 170 -0.38 -23.06 -3.24
C TRP A 170 -1.11 -24.28 -2.69
N ASP A 171 -0.60 -25.49 -2.96
CA ASP A 171 -1.29 -26.67 -2.43
C ASP A 171 -1.17 -26.74 -0.92
N GLU A 172 -0.02 -26.33 -0.37
CA GLU A 172 0.08 -26.22 1.07
C GLU A 172 -0.92 -25.19 1.58
N PHE A 173 -1.14 -24.13 0.82
CA PHE A 173 -2.03 -23.03 1.22
C PHE A 173 -3.48 -23.48 1.24
N THR A 174 -3.96 -24.07 0.15
CA THR A 174 -5.32 -24.59 0.13
C THR A 174 -5.51 -25.66 1.19
N LYS A 175 -4.49 -26.50 1.46
CA LYS A 175 -4.62 -27.51 2.51
C LYS A 175 -4.79 -26.86 3.87
N ALA A 176 -4.05 -25.80 4.12
CA ALA A 176 -4.25 -25.05 5.36
C ALA A 176 -5.66 -24.47 5.43
N LEU A 177 -6.16 -23.93 4.32
CA LEU A 177 -7.48 -23.34 4.30
C LEU A 177 -8.54 -24.38 4.64
N GLU A 178 -8.41 -25.57 4.04
CA GLU A 178 -9.32 -26.68 4.33
C GLU A 178 -9.30 -27.05 5.82
N ALA A 179 -8.11 -27.15 6.39
CA ALA A 179 -7.98 -27.54 7.80
C ALA A 179 -8.59 -26.50 8.70
N LEU A 180 -8.38 -25.21 8.39
CA LEU A 180 -8.98 -24.13 9.18
C LEU A 180 -10.51 -24.16 9.10
N LYS A 181 -11.04 -24.28 7.87
CA LYS A 181 -12.49 -24.28 7.69
C LYS A 181 -13.15 -25.46 8.39
N ALA A 182 -12.46 -26.62 8.40
CA ALA A 182 -12.96 -27.81 9.10
C ALA A 182 -13.05 -27.61 10.60
N LYS A 183 -12.27 -26.68 11.16
CA LYS A 183 -12.34 -26.34 12.58
C LYS A 183 -13.30 -25.20 12.84
N ASN A 184 -14.03 -24.74 11.83
CA ASN A 184 -14.91 -23.57 11.93
C ASN A 184 -14.15 -22.35 12.42
N ILE A 185 -12.94 -22.18 11.91
CA ILE A 185 -12.13 -20.99 12.08
C ILE A 185 -12.24 -20.19 10.79
N THR A 186 -12.58 -18.91 10.88
CA THR A 186 -12.64 -18.10 9.67
C THR A 186 -11.21 -18.04 9.12
N PRO A 187 -10.93 -18.55 7.92
CA PRO A 187 -9.52 -18.64 7.48
C PRO A 187 -8.87 -17.29 7.19
N ILE A 188 -9.47 -16.51 6.31
CA ILE A 188 -8.89 -15.26 5.81
C ILE A 188 -9.79 -14.08 6.15
N ALA A 189 -9.30 -13.20 7.04
CA ALA A 189 -9.96 -11.92 7.27
C ALA A 189 -9.74 -11.02 6.06
N LEU A 190 -10.74 -10.21 5.76
CA LEU A 190 -10.55 -9.23 4.72
C LEU A 190 -11.70 -8.25 4.86
N GLY A 191 -11.41 -6.97 4.94
CA GLY A 191 -12.50 -5.99 4.98
C GLY A 191 -12.64 -5.27 3.66
N GLY A 192 -13.56 -5.73 2.80
CA GLY A 192 -13.68 -5.15 1.49
C GLY A 192 -14.98 -4.44 1.17
N GLY A 193 -15.70 -4.00 2.20
CA GLY A 193 -16.98 -3.37 1.97
C GLY A 193 -16.82 -1.88 1.67
N SER A 194 -17.97 -1.20 1.63
CA SER A 194 -18.07 0.25 1.44
C SER A 194 -17.16 0.64 0.27
N GLY A 195 -16.28 1.61 0.44
CA GLY A 195 -15.41 2.04 -0.64
C GLY A 195 -14.01 1.46 -0.51
N ASP A 196 -13.87 0.30 0.13
CA ASP A 196 -12.55 -0.28 0.39
C ASP A 196 -12.25 -1.47 -0.50
N GLY A 197 -12.73 -1.44 -1.74
CA GLY A 197 -12.42 -2.50 -2.70
C GLY A 197 -10.94 -2.70 -2.89
N TRP A 198 -10.15 -1.66 -2.69
CA TRP A 198 -8.70 -1.81 -2.82
C TRP A 198 -8.15 -2.87 -1.87
N ALA A 199 -8.82 -3.09 -0.72
CA ALA A 199 -8.35 -4.12 0.20
C ALA A 199 -8.47 -5.52 -0.42
N ILE A 200 -9.56 -5.78 -1.17
CA ILE A 200 -9.67 -7.01 -1.93
C ILE A 200 -8.57 -7.06 -2.99
N ASN A 201 -8.33 -5.93 -3.64
CA ASN A 201 -7.31 -5.90 -4.71
C ASN A 201 -5.89 -6.20 -4.22
N MET A 202 -5.58 -6.03 -2.94
CA MET A 202 -4.26 -6.45 -2.44
C MET A 202 -4.07 -7.94 -2.68
N LEU A 203 -5.08 -8.72 -2.37
CA LEU A 203 -5.04 -10.17 -2.56
C LEU A 203 -5.22 -10.52 -4.03
N ALA A 204 -6.11 -9.83 -4.74
CA ALA A 204 -6.26 -10.09 -6.15
C ALA A 204 -4.94 -9.84 -6.87
N ASN A 205 -4.23 -8.92 -6.49
CA ASN A 205 -3.16 -8.03 -6.96
C ASN A 205 -2.24 -9.22 -7.29
N SER A 206 -1.84 -9.87 -6.09
CA SER A 206 -0.80 -10.98 -5.92
C SER A 206 -1.27 -12.31 -6.50
N LEU A 207 -2.60 -12.58 -6.45
CA LEU A 207 -3.10 -13.74 -7.20
C LEU A 207 -2.81 -13.61 -8.69
N PHE A 208 -3.14 -12.47 -9.31
CA PHE A 208 -2.95 -12.51 -10.77
C PHE A 208 -1.50 -12.27 -11.16
N VAL A 209 -0.68 -11.74 -10.25
CA VAL A 209 0.75 -11.79 -10.59
C VAL A 209 1.27 -13.22 -10.46
N ALA A 210 0.76 -13.98 -9.49
CA ALA A 210 1.15 -15.38 -9.37
C ALA A 210 0.67 -16.23 -10.54
N THR A 211 -0.55 -15.98 -11.04
CA THR A 211 -0.99 -16.81 -12.17
C THR A 211 -0.46 -16.35 -13.52
N ALA A 212 -0.26 -15.03 -13.74
CA ALA A 212 0.14 -14.54 -15.05
C ALA A 212 1.59 -14.04 -15.09
N GLY A 213 2.21 -13.84 -13.95
CA GLY A 213 3.56 -13.29 -13.85
C GLY A 213 3.61 -11.77 -13.69
N PRO A 214 4.73 -11.26 -13.17
CA PRO A 214 4.83 -9.83 -12.90
C PRO A 214 4.74 -8.97 -14.15
N GLU A 215 5.23 -9.45 -15.31
CA GLU A 215 5.15 -8.57 -16.47
C GLU A 215 3.76 -8.42 -17.04
N ALA A 216 2.82 -9.30 -16.68
CA ALA A 216 1.47 -9.17 -17.23
C ALA A 216 0.85 -7.82 -16.84
N GLN A 217 1.02 -7.39 -15.58
CA GLN A 217 0.37 -6.14 -15.21
C GLN A 217 1.07 -4.92 -15.78
N GLU A 218 2.37 -5.05 -16.12
CA GLU A 218 3.09 -3.99 -16.82
C GLU A 218 2.56 -3.75 -18.23
N GLY A 219 1.99 -4.76 -18.86
CA GLY A 219 1.55 -4.64 -20.25
C GLY A 219 0.15 -4.10 -20.45
N PHE A 220 -0.68 -4.06 -19.39
CA PHE A 220 -2.04 -3.55 -19.56
C PHE A 220 -2.02 -2.14 -20.14
N ALA A 221 -1.18 -1.25 -19.58
CA ALA A 221 -1.19 0.14 -20.03
C ALA A 221 -0.44 0.31 -21.34
N LYS A 222 0.40 -0.66 -21.70
CA LYS A 222 1.20 -0.66 -22.91
C LYS A 222 0.45 -1.22 -24.10
N GLY A 223 -0.72 -1.83 -23.87
CA GLY A 223 -1.42 -2.52 -24.95
C GLY A 223 -0.85 -3.87 -25.33
N THR A 224 0.12 -4.38 -24.59
CA THR A 224 0.81 -5.61 -24.97
C THR A 224 0.35 -6.82 -24.19
N THR A 225 -0.41 -6.64 -23.11
CA THR A 225 -1.13 -7.74 -22.46
C THR A 225 -2.54 -7.25 -22.16
N LYS A 226 -3.42 -8.19 -21.85
CA LYS A 226 -4.82 -7.85 -21.63
C LYS A 226 -5.35 -8.48 -20.36
N TRP A 227 -6.26 -7.74 -19.71
CA TRP A 227 -6.91 -8.28 -18.52
C TRP A 227 -7.64 -9.59 -18.83
N THR A 228 -8.03 -9.79 -20.08
CA THR A 228 -8.72 -11.00 -20.51
C THR A 228 -7.78 -12.16 -20.84
N ASP A 229 -6.46 -12.00 -20.75
CA ASP A 229 -5.56 -13.11 -21.00
C ASP A 229 -5.87 -14.25 -20.03
N PRO A 230 -5.88 -15.50 -20.50
CA PRO A 230 -6.35 -16.60 -19.63
C PRO A 230 -5.62 -16.70 -18.31
N ALA A 231 -4.31 -16.45 -18.27
CA ALA A 231 -3.59 -16.50 -16.99
C ALA A 231 -4.04 -15.39 -16.03
N VAL A 232 -4.46 -14.24 -16.55
CA VAL A 232 -4.95 -13.18 -15.66
C VAL A 232 -6.33 -13.59 -15.17
N LEU A 233 -7.19 -14.02 -16.09
CA LEU A 233 -8.52 -14.49 -15.71
C LEU A 233 -8.41 -15.58 -14.64
N ASP A 234 -7.40 -16.43 -14.75
CA ASP A 234 -7.24 -17.50 -13.75
C ASP A 234 -7.10 -16.93 -12.34
N GLY A 235 -6.40 -15.80 -12.21
CA GLY A 235 -6.23 -15.21 -10.89
C GLY A 235 -7.57 -14.84 -10.28
N PHE A 236 -8.47 -14.30 -11.11
CA PHE A 236 -9.79 -13.88 -10.61
C PHE A 236 -10.70 -15.07 -10.39
N LYS A 237 -10.52 -16.14 -11.17
CA LYS A 237 -11.21 -17.39 -10.88
C LYS A 237 -10.83 -17.91 -9.49
N ARG A 238 -9.54 -17.92 -9.19
CA ARG A 238 -9.10 -18.39 -7.89
C ARG A 238 -9.59 -17.46 -6.77
N LEU A 239 -9.64 -16.14 -7.04
CA LEU A 239 -10.11 -15.20 -6.02
C LEU A 239 -11.56 -15.50 -5.68
N LYS A 240 -12.40 -15.69 -6.71
CA LYS A 240 -13.80 -16.02 -6.44
CA LYS A 240 -13.80 -16.01 -6.43
C LYS A 240 -13.91 -17.34 -5.68
N ASP A 241 -13.10 -18.32 -6.07
CA ASP A 241 -13.20 -19.63 -5.43
C ASP A 241 -12.84 -19.56 -3.95
N LEU A 242 -11.85 -18.73 -3.58
CA LEU A 242 -11.56 -18.54 -2.16
C LEU A 242 -12.82 -18.10 -1.42
N LYS A 243 -13.59 -17.19 -2.01
CA LYS A 243 -14.81 -16.68 -1.38
C LYS A 243 -15.91 -17.76 -1.37
N ASP A 244 -16.12 -18.42 -2.50
CA ASP A 244 -17.19 -19.42 -2.59
C ASP A 244 -16.99 -20.54 -1.59
N LYS A 245 -15.75 -20.95 -1.37
CA LYS A 245 -15.48 -22.03 -0.42
C LYS A 245 -15.54 -21.58 1.04
N GLY A 246 -15.78 -20.29 1.30
CA GLY A 246 -15.76 -19.78 2.66
C GLY A 246 -14.40 -19.58 3.26
N TYR A 247 -13.36 -19.49 2.43
CA TYR A 247 -12.00 -19.22 2.92
C TYR A 247 -11.79 -17.73 3.19
N ILE A 248 -12.14 -16.87 2.23
CA ILE A 248 -12.32 -15.46 2.54
C ILE A 248 -13.58 -15.32 3.38
N ASP A 249 -13.48 -14.54 4.45
CA ASP A 249 -14.58 -14.22 5.37
C ASP A 249 -15.90 -14.04 4.61
N PRO A 250 -16.91 -14.87 4.89
CA PRO A 250 -18.23 -14.65 4.29
C PRO A 250 -18.71 -13.23 4.40
N ASN A 251 -18.28 -12.50 5.45
CA ASN A 251 -18.71 -11.14 5.71
C ASN A 251 -17.77 -10.10 5.10
N VAL A 252 -16.96 -10.50 4.12
CA VAL A 252 -15.97 -9.59 3.54
C VAL A 252 -16.61 -8.27 3.10
N LEU A 253 -17.81 -8.33 2.50
CA LEU A 253 -18.41 -7.09 1.97
C LEU A 253 -19.19 -6.33 3.04
N GLY A 254 -19.32 -6.88 4.23
CA GLY A 254 -19.94 -6.17 5.34
C GLY A 254 -19.01 -5.43 6.26
N LEU A 255 -17.71 -5.45 5.99
CA LEU A 255 -16.67 -4.90 6.87
C LEU A 255 -15.78 -3.95 6.09
N LYS A 256 -15.51 -2.79 6.68
CA LYS A 256 -14.52 -1.87 6.14
C LYS A 256 -13.12 -2.43 6.34
N TYR A 257 -12.17 -1.82 5.62
CA TYR A 257 -10.77 -2.26 5.67
C TYR A 257 -10.29 -2.49 7.10
N SER A 258 -10.45 -1.46 7.94
CA SER A 258 -9.94 -1.52 9.31
CA SER A 258 -9.93 -1.53 9.30
C SER A 258 -10.64 -2.60 10.13
N GLU A 259 -11.90 -2.91 9.80
CA GLU A 259 -12.62 -3.93 10.53
C GLU A 259 -12.16 -5.32 10.16
N GLY A 260 -11.87 -5.54 8.88
CA GLY A 260 -11.21 -6.78 8.48
C GLY A 260 -9.89 -6.97 9.18
N GLN A 261 -9.07 -5.91 9.22
CA GLN A 261 -7.84 -5.95 10.00
C GLN A 261 -8.12 -6.39 11.44
N ALA A 262 -9.13 -5.77 12.06
CA ALA A 262 -9.40 -6.04 13.48
C ALA A 262 -9.85 -7.47 13.69
N LYS A 263 -10.60 -8.03 12.73
CA LYS A 263 -11.01 -9.42 12.85
C LYS A 263 -9.78 -10.32 13.00
N PHE A 264 -8.72 -10.05 12.25
CA PHE A 264 -7.53 -10.84 12.43
C PHE A 264 -6.87 -10.54 13.78
N TYR A 265 -6.63 -9.27 14.09
CA TYR A 265 -5.76 -9.08 15.25
C TYR A 265 -6.52 -9.15 16.57
N THR A 266 -7.83 -9.40 16.53
CA THR A 266 -8.54 -9.78 17.74
C THR A 266 -8.71 -11.30 17.84
N GLY A 267 -8.01 -12.06 17.00
CA GLY A 267 -8.03 -13.51 17.08
C GLY A 267 -9.24 -14.18 16.49
N GLN A 268 -9.97 -13.52 15.61
CA GLN A 268 -11.25 -14.04 15.11
C GLN A 268 -11.16 -14.60 13.70
N ALA A 269 -9.95 -14.68 13.14
CA ALA A 269 -9.70 -15.29 11.84
C ALA A 269 -8.22 -15.61 11.79
N ALA A 270 -7.85 -16.55 10.88
CA ALA A 270 -6.53 -17.13 11.02
C ALA A 270 -5.44 -16.37 10.27
N MET A 271 -5.78 -15.62 9.22
CA MET A 271 -4.74 -14.86 8.52
C MET A 271 -5.38 -13.65 7.89
N LEU A 272 -4.52 -12.80 7.32
CA LEU A 272 -4.88 -11.47 6.82
C LEU A 272 -3.84 -11.10 5.78
N PHE A 273 -4.28 -10.74 4.56
CA PHE A 273 -3.35 -10.28 3.55
C PHE A 273 -3.34 -8.75 3.59
N ASP A 274 -2.18 -8.16 3.84
CA ASP A 274 -2.14 -6.72 4.08
C ASP A 274 -0.74 -6.20 3.86
N GLY A 275 -0.66 -4.89 3.67
CA GLY A 275 0.65 -4.24 3.56
C GLY A 275 1.34 -4.06 4.90
N SER A 276 2.65 -3.81 4.84
CA SER A 276 3.48 -3.73 6.04
C SER A 276 3.20 -2.47 6.88
N TRP A 277 2.46 -1.49 6.34
CA TRP A 277 1.93 -0.40 7.16
C TRP A 277 0.94 -0.90 8.19
N ALA A 278 0.46 -2.13 8.05
CA ALA A 278 -0.54 -2.67 8.97
C ALA A 278 0.08 -3.33 10.19
N THR A 279 1.40 -3.57 10.17
CA THR A 279 2.05 -4.24 11.28
C THR A 279 1.77 -3.51 12.60
N SER A 280 1.70 -2.17 12.55
CA SER A 280 1.42 -1.38 13.75
C SER A 280 0.08 -1.74 14.38
N ALA A 281 -0.99 -1.69 13.58
CA ALA A 281 -2.31 -2.11 14.06
C ALA A 281 -2.26 -3.49 14.69
N ILE A 282 -1.55 -4.42 14.05
CA ILE A 282 -1.51 -5.80 14.48
C ILE A 282 -0.72 -5.98 15.75
N LEU A 283 0.22 -5.08 16.03
CA LEU A 283 1.00 -5.16 17.26
C LEU A 283 0.53 -4.17 18.31
N ASP A 284 -0.65 -3.62 18.16
CA ASP A 284 -1.06 -2.52 19.01
C ASP A 284 -1.54 -3.08 20.34
N LYS A 285 -0.91 -2.63 21.44
CA LYS A 285 -1.20 -3.23 22.74
C LYS A 285 -2.67 -3.15 23.11
N ASP A 286 -3.31 -2.01 22.87
CA ASP A 286 -4.69 -1.83 23.29
C ASP A 286 -5.70 -2.59 22.47
N LYS A 287 -5.37 -2.98 21.24
CA LYS A 287 -6.39 -3.57 20.37
C LYS A 287 -6.10 -5.02 20.01
N SER A 288 -4.84 -5.42 19.91
CA SER A 288 -4.47 -6.76 19.46
C SER A 288 -4.47 -7.76 20.61
N THR A 289 -5.08 -8.92 20.37
CA THR A 289 -5.06 -10.02 21.30
C THR A 289 -4.09 -11.14 20.88
N VAL A 290 -3.36 -10.94 19.78
CA VAL A 290 -2.60 -12.01 19.12
C VAL A 290 -1.10 -11.78 19.17
N LYS A 291 -0.62 -10.74 19.85
CA LYS A 291 0.78 -10.32 19.74
C LYS A 291 1.77 -11.44 20.06
N ASP A 292 1.38 -12.44 20.83
CA ASP A 292 2.29 -13.54 21.12
C ASP A 292 2.20 -14.67 20.10
N ASN A 293 1.34 -14.53 19.09
CA ASN A 293 1.01 -15.67 18.20
C ASN A 293 0.86 -15.26 16.75
N VAL A 294 1.66 -14.31 16.26
CA VAL A 294 1.52 -13.82 14.88
C VAL A 294 2.78 -14.14 14.09
N GLY A 295 2.59 -14.71 12.91
CA GLY A 295 3.69 -14.92 11.99
C GLY A 295 3.37 -14.31 10.62
N TYR A 296 4.22 -14.60 9.64
CA TYR A 296 4.08 -13.96 8.35
C TYR A 296 4.63 -14.89 7.28
N PHE A 297 3.96 -14.93 6.15
CA PHE A 297 4.50 -15.66 5.00
C PHE A 297 4.13 -14.94 3.72
N ARG A 298 5.06 -14.96 2.77
CA ARG A 298 4.76 -14.40 1.45
C ARG A 298 3.62 -15.14 0.78
N PHE A 299 3.00 -14.48 -0.16
CA PHE A 299 2.02 -15.14 -0.99
C PHE A 299 2.61 -16.43 -1.55
N PRO A 300 1.88 -17.55 -1.49
CA PRO A 300 2.48 -18.87 -1.76
C PRO A 300 2.80 -19.05 -3.24
N ASN A 301 3.66 -20.02 -3.51
CA ASN A 301 4.12 -20.28 -4.88
C ASN A 301 3.13 -21.16 -5.64
N ILE A 302 2.65 -20.67 -6.78
CA ILE A 302 1.74 -21.40 -7.65
C ILE A 302 2.49 -22.25 -8.68
N GLY A 303 3.74 -21.91 -8.96
CA GLY A 303 4.52 -22.67 -9.93
C GLY A 303 4.59 -22.08 -11.31
N GLY A 304 4.24 -20.80 -11.47
CA GLY A 304 4.44 -20.12 -12.73
C GLY A 304 5.53 -19.05 -12.69
N LYS A 305 5.27 -17.92 -13.34
CA LYS A 305 6.27 -16.88 -13.51
C LYS A 305 6.41 -15.97 -12.28
N GLY A 306 5.61 -16.17 -11.24
CA GLY A 306 5.71 -15.33 -10.06
C GLY A 306 6.26 -15.96 -8.80
N ASP A 307 6.86 -17.15 -8.88
CA ASP A 307 7.35 -17.82 -7.69
C ASP A 307 8.41 -16.96 -6.97
N ASN A 308 8.31 -16.93 -5.64
CA ASN A 308 9.30 -16.29 -4.76
C ASN A 308 9.49 -14.81 -5.04
N LEU A 309 8.45 -14.18 -5.55
CA LEU A 309 8.41 -12.75 -5.70
C LEU A 309 7.54 -12.20 -4.56
N ILE A 310 7.63 -10.90 -4.31
CA ILE A 310 6.80 -10.28 -3.26
C ILE A 310 6.30 -8.96 -3.81
N ASN A 311 5.01 -8.67 -3.60
CA ASN A 311 4.49 -7.33 -3.88
C ASN A 311 5.16 -6.34 -2.91
N GLY A 312 5.74 -5.28 -3.44
CA GLY A 312 6.41 -4.29 -2.63
C GLY A 312 7.10 -3.26 -3.50
N GLY A 313 7.64 -2.26 -2.84
CA GLY A 313 8.27 -1.15 -3.53
C GLY A 313 8.29 0.07 -2.63
N TRP A 314 8.51 1.22 -3.27
CA TRP A 314 8.50 2.53 -2.60
C TRP A 314 7.54 3.39 -3.39
N SER A 315 6.29 3.45 -2.88
CA SER A 315 5.18 3.95 -3.67
C SER A 315 4.45 5.14 -3.06
N ASN A 316 4.65 5.44 -1.77
CA ASN A 316 3.77 6.37 -1.10
C ASN A 316 4.62 7.30 -0.25
N GLY A 317 4.35 8.61 -0.38
CA GLY A 317 5.08 9.60 0.43
C GLY A 317 4.52 10.99 0.18
N TYR A 318 5.38 12.00 0.14
CA TYR A 318 4.93 13.38 0.01
C TYR A 318 5.38 13.98 -1.31
N GLY A 319 4.44 14.69 -1.93
CA GLY A 319 4.73 15.52 -3.07
C GLY A 319 4.34 16.94 -2.72
N PHE A 320 4.73 17.87 -3.60
CA PHE A 320 4.69 19.30 -3.30
C PHE A 320 4.14 20.04 -4.49
N SER A 321 3.30 21.05 -4.21
CA SER A 321 2.79 21.89 -5.29
C SER A 321 3.91 22.64 -6.00
N SER A 322 3.79 22.79 -7.34
CA SER A 322 4.77 23.60 -8.04
C SER A 322 4.49 25.10 -7.95
N HIS A 323 3.29 25.51 -7.51
CA HIS A 323 2.89 26.91 -7.56
C HIS A 323 3.21 27.60 -6.24
N LEU A 324 4.51 27.80 -6.02
CA LEU A 324 5.02 28.26 -4.73
C LEU A 324 5.80 29.57 -4.92
N ASN A 325 5.67 30.48 -3.96
CA ASN A 325 6.57 31.62 -3.91
C ASN A 325 7.83 31.21 -3.15
N ASP A 326 8.79 32.14 -3.01
CA ASP A 326 10.09 31.73 -2.47
C ASP A 326 10.00 31.33 -1.00
N ALA A 327 9.13 31.95 -0.23
CA ALA A 327 9.06 31.55 1.17
C ALA A 327 8.39 30.19 1.31
N GLU A 328 7.42 29.90 0.44
CA GLU A 328 6.85 28.57 0.40
C GLU A 328 7.91 27.52 0.05
N LYS A 329 8.75 27.83 -0.93
CA LYS A 329 9.79 26.89 -1.32
C LYS A 329 10.76 26.67 -0.18
N LYS A 330 11.03 27.73 0.60
CA LYS A 330 11.93 27.60 1.75
C LYS A 330 11.33 26.70 2.80
N ALA A 331 10.03 26.88 3.10
CA ALA A 331 9.36 26.03 4.07
C ALA A 331 9.31 24.59 3.59
N VAL A 332 9.07 24.38 2.29
CA VAL A 332 9.01 23.03 1.75
C VAL A 332 10.37 22.35 1.84
N LYS A 333 11.44 23.08 1.47
CA LYS A 333 12.78 22.52 1.62
C LYS A 333 13.08 22.16 3.08
N ALA A 334 12.67 23.03 4.02
CA ALA A 334 12.94 22.73 5.43
C ALA A 334 12.11 21.55 5.92
N PHE A 335 10.88 21.40 5.42
CA PHE A 335 10.11 20.23 5.79
C PHE A 335 10.78 18.96 5.29
N ILE A 336 11.21 18.95 4.02
CA ILE A 336 11.94 17.79 3.48
C ILE A 336 13.22 17.52 4.28
N LYS A 337 13.97 18.57 4.60
CA LYS A 337 15.16 18.40 5.46
C LYS A 337 14.85 17.68 6.76
N ASN A 338 13.76 18.05 7.44
CA ASN A 338 13.48 17.48 8.75
C ASN A 338 12.70 16.18 8.72
N PHE A 339 11.98 15.88 7.63
CA PHE A 339 11.25 14.63 7.56
C PHE A 339 12.11 13.47 7.07
N TYR A 340 12.82 13.69 5.98
CA TYR A 340 13.62 12.64 5.34
C TYR A 340 15.02 12.65 5.92
N THR A 341 15.11 12.13 7.17
CA THR A 341 16.34 12.02 7.93
CA THR A 341 16.37 12.00 7.89
C THR A 341 16.42 10.65 8.58
N LEU A 342 17.65 10.13 8.70
CA LEU A 342 17.84 8.80 9.29
C LEU A 342 17.14 8.66 10.63
N GLU A 343 17.13 9.71 11.44
CA GLU A 343 16.53 9.59 12.76
C GLU A 343 15.03 9.38 12.66
N ILE A 344 14.36 10.15 11.80
CA ILE A 344 12.93 10.01 11.61
C ILE A 344 12.59 8.68 10.96
N GLN A 345 13.40 8.24 9.99
CA GLN A 345 13.18 6.93 9.38
C GLN A 345 13.32 5.82 10.41
N GLY A 346 14.36 5.90 11.26
CA GLY A 346 14.56 4.85 12.25
C GLY A 346 13.47 4.79 13.29
N GLU A 347 12.88 5.95 13.62
CA GLU A 347 11.79 5.95 14.59
C GLU A 347 10.53 5.38 13.97
N ALA A 348 10.31 5.68 12.70
CA ALA A 348 9.16 5.06 12.04
C ALA A 348 9.33 3.55 11.95
N LEU A 349 10.55 3.10 11.68
CA LEU A 349 10.83 1.66 11.64
C LEU A 349 10.65 1.02 13.00
N GLY A 350 11.30 1.56 14.03
CA GLY A 350 11.31 0.87 15.31
C GLY A 350 10.01 1.00 16.07
N ARG A 351 9.33 2.12 15.94
CA ARG A 351 8.12 2.44 16.69
C ARG A 351 6.82 2.42 15.86
N ASP A 352 6.90 2.32 14.53
CA ASP A 352 5.68 2.16 13.74
C ASP A 352 5.82 1.07 12.67
N ASN A 353 6.89 0.27 12.69
CA ASN A 353 7.07 -0.88 11.82
C ASN A 353 6.94 -0.47 10.36
N ARG A 354 7.51 0.66 10.01
CA ARG A 354 7.44 1.15 8.64
C ARG A 354 8.81 1.00 7.97
N VAL A 355 8.84 0.18 6.93
CA VAL A 355 10.07 -0.14 6.21
C VAL A 355 10.71 1.14 5.70
N PRO A 356 12.00 1.38 5.97
CA PRO A 356 12.65 2.61 5.51
C PRO A 356 12.60 2.81 3.99
N SER A 357 12.48 4.07 3.60
CA SER A 357 12.69 4.49 2.24
C SER A 357 14.11 4.97 2.00
N MET A 358 14.83 5.29 3.08
CA MET A 358 16.18 5.79 2.95
C MET A 358 17.19 4.70 3.30
N LYS A 359 18.35 4.74 2.63
CA LYS A 359 19.44 3.81 2.95
C LYS A 359 20.06 4.12 4.29
N GLY A 360 20.75 3.12 4.85
CA GLY A 360 21.57 3.34 6.03
C GLY A 360 20.86 3.43 7.36
N VAL A 361 19.59 3.04 7.42
CA VAL A 361 18.85 3.05 8.67
C VAL A 361 19.16 1.79 9.46
N PRO A 362 19.77 1.89 10.63
CA PRO A 362 20.02 0.69 11.44
C PRO A 362 18.73 0.09 12.01
N THR A 363 18.69 -1.24 12.07
CA THR A 363 17.53 -1.93 12.60
C THR A 363 17.51 -1.85 14.11
N PRO A 364 16.36 -1.52 14.73
CA PRO A 364 16.34 -1.31 16.18
C PRO A 364 16.59 -2.56 17.01
N ALA A 365 16.67 -2.38 18.33
CA ALA A 365 16.97 -3.45 19.26
C ALA A 365 15.70 -4.17 19.71
N GLU A 366 15.84 -5.48 19.95
CA GLU A 366 14.74 -6.35 20.36
C GLU A 366 13.52 -6.19 19.46
N ALA A 367 13.75 -6.36 18.15
CA ALA A 367 12.63 -6.31 17.21
C ALA A 367 11.81 -7.59 17.34
N ALA A 368 10.49 -7.41 17.31
CA ALA A 368 9.57 -8.52 17.56
C ALA A 368 9.74 -9.61 16.52
N PRO A 369 9.41 -10.87 16.86
CA PRO A 369 9.47 -11.94 15.84
C PRO A 369 8.80 -11.56 14.52
N LEU A 370 7.61 -10.95 14.59
CA LEU A 370 6.91 -10.51 13.38
C LEU A 370 7.82 -9.65 12.51
N THR A 371 8.53 -8.72 13.13
CA THR A 371 9.39 -7.79 12.42
C THR A 371 10.45 -8.60 11.68
N LYS A 372 11.03 -9.60 12.39
CA LYS A 372 12.06 -10.46 11.79
C LYS A 372 11.50 -11.24 10.61
N ALA A 373 10.23 -11.66 10.69
CA ALA A 373 9.63 -12.46 9.64
C ALA A 373 9.40 -11.65 8.37
N ILE A 374 8.93 -10.39 8.52
CA ILE A 374 8.66 -9.57 7.33
C ILE A 374 9.97 -9.21 6.62
N GLY A 375 11.03 -8.97 7.38
CA GLY A 375 12.32 -8.68 6.75
C GLY A 375 12.86 -9.87 5.98
N GLU A 376 12.88 -11.06 6.61
CA GLU A 376 13.18 -12.31 5.92
C GLU A 376 12.30 -12.53 4.70
N ALA A 377 11.03 -12.12 4.77
CA ALA A 377 10.19 -12.28 3.60
C ALA A 377 10.62 -11.35 2.48
N GLN A 378 11.00 -10.12 2.82
CA GLN A 378 11.40 -9.14 1.82
C GLN A 378 12.76 -9.50 1.22
N ALA A 379 13.73 -9.81 2.09
CA ALA A 379 15.11 -9.98 1.63
C ALA A 379 15.27 -11.22 0.78
N SER A 380 14.59 -12.32 1.15
CA SER A 380 14.74 -13.56 0.43
C SER A 380 13.93 -13.59 -0.87
N ALA A 381 13.04 -12.63 -1.09
CA ALA A 381 12.35 -12.55 -2.37
C ALA A 381 13.37 -12.24 -3.48
N LYS A 382 13.18 -12.89 -4.62
CA LYS A 382 14.09 -12.69 -5.73
C LYS A 382 13.94 -11.29 -6.31
N ALA A 383 12.74 -10.73 -6.25
CA ALA A 383 12.48 -9.38 -6.70
C ALA A 383 11.13 -8.98 -6.11
N ALA A 384 10.85 -7.69 -6.15
CA ALA A 384 9.52 -7.17 -5.80
C ALA A 384 8.79 -6.76 -7.07
N PHE A 385 7.45 -6.78 -7.01
CA PHE A 385 6.72 -6.21 -8.08
C PHE A 385 5.79 -5.16 -7.51
N PRO A 386 5.59 -4.04 -8.21
CA PRO A 386 4.82 -2.94 -7.63
C PRO A 386 3.34 -3.33 -7.56
N ALA A 387 2.58 -2.52 -6.81
CA ALA A 387 1.13 -2.67 -6.86
C ALA A 387 0.60 -2.28 -8.23
N PHE A 388 -0.47 -2.96 -8.69
CA PHE A 388 -0.96 -2.63 -10.02
C PHE A 388 -1.35 -1.16 -10.15
N ASP A 389 -1.78 -0.51 -9.06
CA ASP A 389 -2.23 0.86 -9.21
C ASP A 389 -1.08 1.84 -9.44
N ALA A 390 0.16 1.37 -9.35
CA ALA A 390 1.23 2.20 -9.89
C ALA A 390 1.25 2.19 -11.42
N LEU A 391 0.67 1.17 -12.05
CA LEU A 391 0.87 0.86 -13.46
C LEU A 391 -0.34 1.14 -14.36
N VAL A 392 -1.50 1.44 -13.79
CA VAL A 392 -2.72 1.66 -14.56
C VAL A 392 -3.36 2.97 -14.09
N GLN A 393 -4.13 3.56 -15.00
CA GLN A 393 -4.75 4.83 -14.75
C GLN A 393 -5.78 4.72 -13.62
N PRO A 394 -6.09 5.84 -12.97
CA PRO A 394 -7.07 5.81 -11.86
C PRO A 394 -8.43 5.24 -12.22
N LYS A 395 -8.99 5.54 -13.38
CA LYS A 395 -10.28 4.95 -13.73
C LYS A 395 -10.20 3.43 -13.82
N VAL A 396 -9.07 2.90 -14.30
CA VAL A 396 -8.92 1.45 -14.32
C VAL A 396 -8.90 0.90 -12.91
N LYS A 397 -8.14 1.53 -12.03
CA LYS A 397 -8.08 1.09 -10.65
C LYS A 397 -9.47 1.05 -10.02
N VAL A 398 -10.22 2.14 -10.14
CA VAL A 398 -11.46 2.18 -9.39
C VAL A 398 -12.47 1.24 -10.03
N THR A 399 -12.32 0.94 -11.34
CA THR A 399 -13.20 -0.06 -11.96
C THR A 399 -12.92 -1.44 -11.38
N LEU A 400 -11.64 -1.78 -11.18
CA LEU A 400 -11.34 -3.07 -10.57
C LEU A 400 -11.88 -3.17 -9.15
N GLU A 401 -11.78 -2.07 -8.37
CA GLU A 401 -12.27 -2.06 -7.01
C GLU A 401 -13.75 -2.44 -6.99
N GLN A 402 -14.51 -1.72 -7.80
CA GLN A 402 -15.95 -2.00 -7.89
CA GLN A 402 -15.95 -1.99 -7.88
C GLN A 402 -16.21 -3.41 -8.36
N SER A 403 -15.39 -3.90 -9.30
CA SER A 403 -15.63 -5.20 -9.92
C SER A 403 -15.33 -6.33 -8.96
N VAL A 404 -14.27 -6.22 -8.15
CA VAL A 404 -13.99 -7.36 -7.25
C VAL A 404 -14.99 -7.40 -6.10
N GLN A 405 -15.55 -6.27 -5.72
CA GLN A 405 -16.62 -6.29 -4.74
C GLN A 405 -17.84 -7.01 -5.29
N GLU A 406 -18.16 -6.74 -6.54
CA GLU A 406 -19.22 -7.48 -7.24
C GLU A 406 -18.90 -8.95 -7.34
N LEU A 407 -17.67 -9.28 -7.73
CA LEU A 407 -17.24 -10.66 -7.87
C LEU A 407 -17.41 -11.43 -6.57
N LEU A 408 -17.16 -10.78 -5.42
CA LEU A 408 -17.28 -11.46 -4.14
C LEU A 408 -18.69 -11.37 -3.57
N GLY A 409 -19.60 -10.70 -4.29
CA GLY A 409 -20.99 -10.60 -3.86
C GLY A 409 -21.99 -11.35 -4.73
N GLY A 410 -21.54 -12.23 -5.62
CA GLY A 410 -22.46 -12.92 -6.51
C GLY A 410 -22.97 -12.06 -7.65
N GLN A 411 -22.34 -10.91 -7.89
CA GLN A 411 -22.83 -9.91 -8.83
C GLN A 411 -22.01 -9.84 -10.12
N LEU A 412 -20.99 -10.66 -10.26
CA LEU A 412 -20.15 -10.56 -11.44
C LEU A 412 -19.33 -11.83 -11.60
N THR A 413 -19.23 -12.34 -12.86
CA THR A 413 -18.42 -13.54 -13.02
C THR A 413 -16.97 -13.16 -13.32
N PRO A 414 -16.03 -14.05 -13.03
CA PRO A 414 -14.61 -13.78 -13.45
C PRO A 414 -14.49 -13.36 -14.90
N GLU A 415 -15.20 -14.06 -15.79
CA GLU A 415 -15.14 -13.71 -17.21
C GLU A 415 -15.68 -12.31 -17.47
N LYS A 416 -16.83 -11.96 -16.87
CA LYS A 416 -17.39 -10.63 -17.10
C LYS A 416 -16.51 -9.55 -16.47
N LEU A 417 -15.82 -9.88 -15.40
CA LEU A 417 -14.91 -8.90 -14.78
C LEU A 417 -13.76 -8.56 -15.73
N VAL A 418 -13.08 -9.58 -16.27
CA VAL A 418 -11.94 -9.28 -17.13
C VAL A 418 -12.37 -8.57 -18.38
N GLU A 419 -13.56 -8.89 -18.93
CA GLU A 419 -14.03 -8.14 -20.09
C GLU A 419 -14.27 -6.69 -19.74
N LYS A 420 -14.90 -6.44 -18.58
CA LYS A 420 -15.12 -5.07 -18.11
C LYS A 420 -13.81 -4.34 -17.93
N MET A 421 -12.82 -5.02 -17.35
CA MET A 421 -11.51 -4.40 -17.12
C MET A 421 -10.82 -4.06 -18.44
N GLN A 422 -10.87 -4.95 -19.42
CA GLN A 422 -10.16 -4.63 -20.66
C GLN A 422 -10.85 -3.49 -21.40
N LYS A 423 -12.18 -3.34 -21.23
CA LYS A 423 -12.85 -2.20 -21.88
C LYS A 423 -12.40 -0.87 -21.29
N VAL A 424 -12.30 -0.78 -19.97
CA VAL A 424 -11.84 0.47 -19.41
C VAL A 424 -10.35 0.65 -19.66
N GLN A 425 -9.62 -0.46 -19.78
CA GLN A 425 -8.20 -0.35 -20.11
C GLN A 425 -7.99 0.21 -21.51
N ASP A 426 -8.78 -0.28 -22.49
CA ASP A 426 -8.69 0.25 -23.85
C ASP A 426 -9.06 1.72 -23.88
N GLU A 427 -10.09 2.09 -23.12
CA GLU A 427 -10.53 3.49 -23.10
C GLU A 427 -9.45 4.39 -22.49
N ALA A 428 -8.77 3.88 -21.46
CA ALA A 428 -7.69 4.67 -20.87
C ALA A 428 -6.49 4.76 -21.81
N ASN A 429 -6.11 3.65 -22.45
CA ASN A 429 -4.99 3.68 -23.39
C ASN A 429 -5.25 4.60 -24.58
N ALA A 430 -6.50 4.65 -25.07
CA ALA A 430 -6.80 5.51 -26.21
C ALA A 430 -6.72 6.98 -25.82
N GLY A 431 -7.31 7.34 -24.69
CA GLY A 431 -7.24 8.72 -24.24
C GLY A 431 -5.82 9.17 -23.96
N LYS A 432 -4.95 8.23 -23.59
CA LYS A 432 -3.57 8.51 -23.24
C LYS A 432 -2.62 7.83 -24.21
#